data_6VOT
#
_entry.id   6VOT
#
_cell.length_a   68.107
_cell.length_b   83.813
_cell.length_c   89.740
_cell.angle_alpha   90.000
_cell.angle_beta   90.000
_cell.angle_gamma   90.000
#
_symmetry.space_group_name_H-M   'P 21 21 21'
#
loop_
_entity.id
_entity.type
_entity.pdbx_description
1 polymer 'Peptidoglycan D,D-transpeptidase FtsI'
2 non-polymer '1-[(2S)-2-{[(2Z)-2-(2-amino-1,3-thiazol-4-yl)-2-{[(2-carboxypropan-2-yl)oxy]imino}acetyl]amino}-3-oxopropyl]-4-{[2-(5,6 -dihydroxy-1,3-dioxo-1,3-dihydro-2H-isoindol-2-yl)ethyl]carbamoyl}-2,5-dihydro-1H-pyrazole-3-carboxylic acid'
3 water water
#
_entity_poly.entity_id   1
_entity_poly.type   'polypeptide(L)'
_entity_poly.pdbx_seq_one_letter_code
;MGHHHHHHARSVRHIAIPAHRGLITDRNGEPLAVSTPVTTLWANPKELMTAKERWPQLAAALGQDTKLFADRIEQNAERE
FIYLVRGLTPEQGEGVIALKVPGVYSIEEFRRFYPAGEVVAHAVGFTDVDDRGREGIELAFDEWLAGVPGKRQVLKDRRG
RVIKDVQVTKNAKPGKTLALSIDLRLQYLAHRELRNALLENGAKAGSLVIMDVKTGEILAMTNQPTYNPNNRRNLQPAAM
RNRAMIDVFEPGSTVKPFSMSAALASGRWKPSDIVDVYPGTLQIGRYTIRDVSRNSRQLDLTGILIKSSNVGISKIAFDI
GAESIYSVMQQVGLGQDTGLGFPGERVGNLPNHRKWPKAETATLAYGYGLSVTAIQLAHAYAALANDGKSVPLSMTRVDR
VPDGVQVISPEVASTVQGMLQQVVEAQGGVFRAQVPGYHAAGKSGTARKVSVGTKGYRENAYRSLFAGFAPATDPRIAMV
VVIDEPSKAGYFGGLVSAPVFSKVMAGALRLMNVPPDNLPTATEQQQVNAAPAKGGRG
;
_entity_poly.pdbx_strand_id   A
#
loop_
_chem_comp.id
_chem_comp.type
_chem_comp.name
_chem_comp.formula
R7G non-polymer '1-[(2S)-2-{[(2Z)-2-(2-amino-1,3-thiazol-4-yl)-2-{[(2-carboxypropan-2-yl)oxy]imino}acetyl]amino}-3-oxopropyl]-4-{[2-(5,6 -dihydroxy-1,3-dioxo-1,3-dihydro-2H-isoindol-2-yl)ethyl]carbamoyl}-2,5-dihydro-1H-pyrazole-3-carboxylic acid' 'C27 H28 N8 O12 S'
#
# COMPACT_ATOMS: atom_id res chain seq x y z
N VAL A 12 46.34 15.84 0.32
CA VAL A 12 45.08 16.22 1.06
C VAL A 12 43.88 16.10 0.10
N ARG A 13 42.87 15.30 0.48
CA ARG A 13 41.52 15.21 -0.15
C ARG A 13 40.48 15.51 0.94
N HIS A 14 39.23 15.76 0.54
CA HIS A 14 38.03 15.85 1.42
C HIS A 14 37.15 14.63 1.16
N ILE A 15 36.80 13.85 2.19
CA ILE A 15 36.02 12.57 2.03
C ILE A 15 34.80 12.56 2.96
N ALA A 16 33.77 11.79 2.57
CA ALA A 16 32.40 11.83 3.09
C ALA A 16 32.33 11.22 4.50
N ILE A 17 31.62 11.88 5.40
CA ILE A 17 31.12 11.32 6.69
C ILE A 17 29.64 11.00 6.51
N PRO A 18 29.24 9.73 6.27
CA PRO A 18 27.81 9.39 6.18
C PRO A 18 26.99 9.87 7.39
N ALA A 19 25.82 10.44 7.10
CA ALA A 19 24.79 10.88 8.08
C ALA A 19 24.04 9.64 8.60
N HIS A 20 23.62 9.65 9.87
CA HIS A 20 22.65 8.68 10.44
C HIS A 20 21.29 8.90 9.76
N ARG A 21 20.76 7.88 9.07
CA ARG A 21 19.41 7.95 8.45
C ARG A 21 18.32 7.87 9.52
N GLY A 22 17.34 8.78 9.44
CA GLY A 22 16.21 8.91 10.38
C GLY A 22 15.47 7.60 10.62
N LEU A 23 15.12 7.34 11.87
CA LEU A 23 14.24 6.21 12.27
C LEU A 23 12.86 6.38 11.61
N ILE A 24 12.35 5.34 10.95
CA ILE A 24 10.92 5.26 10.58
C ILE A 24 10.22 4.41 11.64
N THR A 25 9.13 4.94 12.22
CA THR A 25 8.29 4.23 13.20
C THR A 25 6.85 4.10 12.67
N ASP A 26 6.07 3.24 13.29
CA ASP A 26 4.59 3.25 13.15
C ASP A 26 4.04 4.47 13.92
N ARG A 27 2.73 4.67 13.88
CA ARG A 27 2.02 5.80 14.53
C ARG A 27 2.30 5.82 16.05
N ASN A 28 2.54 4.65 16.67
CA ASN A 28 2.79 4.50 18.13
C ASN A 28 4.29 4.45 18.50
N GLY A 29 5.21 4.69 17.55
CA GLY A 29 6.68 4.73 17.78
C GLY A 29 7.37 3.38 17.65
N GLU A 30 6.69 2.32 17.17
CA GLU A 30 7.32 0.98 16.96
C GLU A 30 8.24 1.03 15.75
N PRO A 31 9.53 0.64 15.89
CA PRO A 31 10.49 0.80 14.81
C PRO A 31 10.15 -0.07 13.60
N LEU A 32 10.19 0.55 12.42
CA LEU A 32 9.94 -0.11 11.11
C LEU A 32 11.19 -0.10 10.22
N ALA A 33 12.04 0.93 10.34
CA ALA A 33 13.33 1.08 9.61
C ALA A 33 14.35 1.73 10.55
N VAL A 34 15.42 1.00 10.85
CA VAL A 34 16.48 1.39 11.84
C VAL A 34 17.82 1.38 11.10
N SER A 35 18.61 2.45 11.26
CA SER A 35 20.01 2.53 10.78
C SER A 35 20.93 1.86 11.80
N THR A 36 21.57 0.75 11.42
CA THR A 36 22.50 -0.04 12.27
C THR A 36 23.93 0.22 11.82
N PRO A 37 24.89 0.35 12.76
CA PRO A 37 26.29 0.58 12.39
C PRO A 37 26.86 -0.68 11.71
N VAL A 38 27.51 -0.52 10.56
CA VAL A 38 28.25 -1.60 9.86
C VAL A 38 29.59 -1.04 9.38
N THR A 39 30.53 -1.93 9.04
CA THR A 39 31.93 -1.57 8.67
C THR A 39 32.23 -2.06 7.26
N THR A 40 32.59 -1.12 6.38
CA THR A 40 33.09 -1.36 5.00
C THR A 40 34.63 -1.45 5.07
N LEU A 41 35.20 -2.46 4.40
CA LEU A 41 36.66 -2.62 4.25
C LEU A 41 37.06 -2.15 2.86
N TRP A 42 38.10 -1.35 2.78
CA TRP A 42 38.70 -0.97 1.49
C TRP A 42 40.20 -1.18 1.59
N ALA A 43 40.91 -1.19 0.47
CA ALA A 43 42.36 -1.42 0.43
C ALA A 43 43.01 -0.46 -0.56
N ASN A 44 44.20 0.00 -0.22
CA ASN A 44 45.11 0.72 -1.15
C ASN A 44 45.95 -0.36 -1.83
N PRO A 45 45.64 -0.75 -3.09
CA PRO A 45 46.45 -1.72 -3.81
C PRO A 45 47.95 -1.42 -3.82
N LYS A 46 48.36 -0.15 -3.91
CA LYS A 46 49.80 0.23 -3.93
C LYS A 46 50.47 -0.24 -2.63
N GLU A 47 49.78 -0.20 -1.49
CA GLU A 47 50.29 -0.78 -0.23
C GLU A 47 50.21 -2.32 -0.28
N LEU A 48 49.09 -2.89 -0.74
CA LEU A 48 48.88 -4.36 -0.80
C LEU A 48 49.99 -5.01 -1.64
N MET A 49 50.48 -4.32 -2.67
CA MET A 49 51.47 -4.85 -3.63
C MET A 49 52.86 -5.02 -2.99
N THR A 50 53.07 -4.50 -1.76
CA THR A 50 54.32 -4.61 -0.96
C THR A 50 54.16 -5.63 0.17
N ALA A 51 53.02 -6.34 0.24
CA ALA A 51 52.72 -7.35 1.27
C ALA A 51 51.98 -8.56 0.65
N LYS A 52 52.45 -9.05 -0.50
CA LYS A 52 51.80 -10.16 -1.24
C LYS A 52 51.71 -11.41 -0.36
N GLU A 53 52.68 -11.66 0.54
CA GLU A 53 52.73 -12.92 1.34
C GLU A 53 51.51 -12.97 2.28
N ARG A 54 50.89 -11.82 2.49
CA ARG A 54 49.72 -11.66 3.38
C ARG A 54 48.42 -11.92 2.59
N TRP A 55 48.45 -11.92 1.26
CA TRP A 55 47.20 -11.95 0.44
C TRP A 55 46.36 -13.17 0.77
N PRO A 56 46.90 -14.41 0.73
CA PRO A 56 46.08 -15.62 0.93
C PRO A 56 45.27 -15.63 2.24
N GLN A 57 45.90 -15.27 3.37
CA GLN A 57 45.22 -15.11 4.69
C GLN A 57 44.11 -14.06 4.58
N LEU A 58 44.39 -12.93 3.92
CA LEU A 58 43.41 -11.84 3.73
C LEU A 58 42.29 -12.31 2.81
N ALA A 59 42.61 -13.01 1.70
CA ALA A 59 41.63 -13.66 0.81
C ALA A 59 40.72 -14.59 1.62
N ALA A 60 41.27 -15.54 2.39
CA ALA A 60 40.49 -16.43 3.28
C ALA A 60 39.50 -15.60 4.11
N ALA A 61 39.98 -14.56 4.79
CA ALA A 61 39.20 -13.76 5.78
C ALA A 61 38.00 -13.06 5.13
N LEU A 62 38.08 -12.80 3.82
CA LEU A 62 37.00 -12.17 3.03
C LEU A 62 36.16 -13.24 2.33
N GLY A 63 36.34 -14.53 2.66
CA GLY A 63 35.75 -15.65 1.90
C GLY A 63 35.91 -15.44 0.40
N GLN A 64 37.11 -15.08 -0.04
CA GLN A 64 37.50 -14.98 -1.47
C GLN A 64 38.49 -16.11 -1.75
N ASP A 65 38.57 -16.54 -3.01
CA ASP A 65 39.50 -17.58 -3.52
C ASP A 65 40.90 -16.94 -3.68
N THR A 66 41.96 -17.65 -3.27
CA THR A 66 43.36 -17.17 -3.27
C THR A 66 43.75 -16.52 -4.61
N LYS A 67 43.55 -17.22 -5.72
CA LYS A 67 44.07 -16.76 -7.04
C LYS A 67 43.17 -15.65 -7.63
N LEU A 68 41.86 -15.72 -7.43
CA LEU A 68 40.92 -14.65 -7.93
C LEU A 68 41.23 -13.33 -7.21
N PHE A 69 41.48 -13.38 -5.90
CA PHE A 69 41.85 -12.20 -5.06
C PHE A 69 43.14 -11.58 -5.59
N ALA A 70 44.16 -12.39 -5.83
CA ALA A 70 45.49 -11.94 -6.31
C ALA A 70 45.37 -11.32 -7.71
N ASP A 71 44.61 -11.96 -8.62
CA ASP A 71 44.30 -11.43 -9.98
C ASP A 71 43.70 -10.03 -9.81
N ARG A 72 42.73 -9.87 -8.92
CA ARG A 72 42.07 -8.56 -8.64
C ARG A 72 43.09 -7.52 -8.17
N ILE A 73 43.88 -7.78 -7.13
CA ILE A 73 44.84 -6.76 -6.61
C ILE A 73 45.81 -6.39 -7.75
N GLU A 74 46.35 -7.37 -8.48
CA GLU A 74 47.28 -7.13 -9.61
C GLU A 74 46.64 -6.15 -10.61
N GLN A 75 45.37 -6.38 -10.97
CA GLN A 75 44.60 -5.61 -12.00
C GLN A 75 44.34 -4.16 -11.55
N ASN A 76 44.46 -3.88 -10.26
CA ASN A 76 44.15 -2.56 -9.65
C ASN A 76 45.41 -1.97 -9.02
N ALA A 77 46.59 -2.45 -9.40
CA ALA A 77 47.89 -2.10 -8.78
C ALA A 77 48.20 -0.60 -8.89
N GLU A 78 47.64 0.07 -9.91
CA GLU A 78 47.84 1.53 -10.20
C GLU A 78 46.93 2.38 -9.32
N ARG A 79 45.85 1.81 -8.77
CA ARG A 79 44.80 2.53 -7.98
C ARG A 79 45.19 2.62 -6.51
N GLU A 80 44.58 3.57 -5.80
CA GLU A 80 44.78 3.85 -4.35
C GLU A 80 43.53 3.44 -3.55
N PHE A 81 42.41 3.12 -4.23
CA PHE A 81 41.14 2.70 -3.58
C PHE A 81 40.46 1.60 -4.40
N ILE A 82 40.06 0.53 -3.70
CA ILE A 82 39.00 -0.45 -4.12
C ILE A 82 38.26 -0.88 -2.86
N TYR A 83 37.00 -1.27 -3.02
CA TYR A 83 36.18 -1.88 -1.95
C TYR A 83 36.64 -3.33 -1.81
N LEU A 84 36.86 -3.80 -0.58
CA LEU A 84 37.05 -5.25 -0.32
C LEU A 84 35.67 -5.89 -0.13
N VAL A 85 34.90 -5.40 0.85
CA VAL A 85 33.52 -5.89 1.14
C VAL A 85 32.72 -4.76 1.82
N ARG A 86 31.40 -4.73 1.61
CA ARG A 86 30.48 -3.75 2.26
C ARG A 86 29.67 -4.44 3.38
N GLY A 87 29.38 -3.69 4.45
CA GLY A 87 28.34 -4.01 5.47
C GLY A 87 28.62 -5.25 6.30
N LEU A 88 29.85 -5.46 6.76
CA LEU A 88 30.13 -6.50 7.78
C LEU A 88 29.64 -5.95 9.12
N THR A 89 29.44 -6.78 10.15
CA THR A 89 29.25 -6.26 11.52
C THR A 89 30.50 -5.48 11.93
N PRO A 90 30.44 -4.64 12.99
CA PRO A 90 31.66 -4.11 13.59
C PRO A 90 32.67 -5.18 14.08
N GLU A 91 32.20 -6.39 14.43
CA GLU A 91 33.03 -7.51 14.97
C GLU A 91 33.81 -8.17 13.82
N GLN A 92 33.12 -8.57 12.74
CA GLN A 92 33.73 -9.17 11.52
C GLN A 92 34.76 -8.20 10.93
N GLY A 93 34.38 -6.92 10.81
CA GLY A 93 35.25 -5.80 10.39
C GLY A 93 36.52 -5.74 11.23
N GLU A 94 36.39 -5.74 12.56
CA GLU A 94 37.50 -5.69 13.54
C GLU A 94 38.35 -6.97 13.47
N GLY A 95 37.74 -8.13 13.19
CA GLY A 95 38.44 -9.42 13.02
C GLY A 95 39.52 -9.36 11.95
N VAL A 96 39.23 -8.75 10.79
CA VAL A 96 40.15 -8.74 9.61
C VAL A 96 41.10 -7.53 9.69
N ILE A 97 40.69 -6.43 10.33
CA ILE A 97 41.62 -5.29 10.63
C ILE A 97 42.71 -5.78 11.61
N ALA A 98 42.40 -6.77 12.46
CA ALA A 98 43.31 -7.32 13.50
C ALA A 98 44.40 -8.20 12.89
N LEU A 99 44.29 -8.59 11.62
CA LEU A 99 45.36 -9.34 10.87
C LEU A 99 46.52 -8.41 10.54
N LYS A 100 46.30 -7.10 10.59
CA LYS A 100 47.35 -6.07 10.50
C LYS A 100 47.95 -6.12 9.09
N VAL A 101 47.11 -6.23 8.06
CA VAL A 101 47.59 -6.33 6.66
C VAL A 101 47.80 -4.92 6.16
N PRO A 102 49.03 -4.56 5.73
CA PRO A 102 49.31 -3.23 5.19
C PRO A 102 48.30 -2.85 4.11
N GLY A 103 47.80 -1.61 4.16
CA GLY A 103 46.95 -0.99 3.13
C GLY A 103 45.52 -1.47 3.16
N VAL A 104 45.07 -2.03 4.28
CA VAL A 104 43.67 -2.47 4.50
C VAL A 104 43.06 -1.52 5.55
N TYR A 105 41.95 -0.87 5.20
CA TYR A 105 41.33 0.25 5.95
C TYR A 105 39.84 0.00 6.20
N SER A 106 39.31 0.71 7.22
CA SER A 106 37.94 0.58 7.77
C SER A 106 37.20 1.94 7.67
N ILE A 107 36.08 1.95 6.94
CA ILE A 107 35.04 3.02 6.94
C ILE A 107 33.86 2.52 7.78
N GLU A 108 33.37 3.32 8.74
CA GLU A 108 32.19 2.99 9.59
C GLU A 108 30.93 3.56 8.91
N GLU A 109 30.02 2.67 8.50
CA GLU A 109 28.82 2.96 7.67
C GLU A 109 27.54 2.63 8.45
N PHE A 110 26.39 2.93 7.86
CA PHE A 110 25.05 2.60 8.38
C PHE A 110 24.32 1.72 7.35
N ARG A 111 23.59 0.72 7.85
CA ARG A 111 22.72 -0.14 6.99
C ARG A 111 21.33 -0.30 7.62
N ARG A 112 20.30 -0.25 6.78
CA ARG A 112 18.90 -0.38 7.23
C ARG A 112 18.65 -1.80 7.74
N PHE A 113 17.99 -1.90 8.87
CA PHE A 113 17.30 -3.13 9.28
C PHE A 113 15.82 -2.79 9.49
N TYR A 114 14.96 -3.71 9.01
CA TYR A 114 13.47 -3.66 8.99
C TYR A 114 12.93 -4.71 9.95
N PRO A 115 12.67 -4.35 11.22
CA PRO A 115 12.25 -5.33 12.22
C PRO A 115 10.96 -6.09 11.87
N ALA A 116 10.02 -5.51 11.14
CA ALA A 116 8.75 -6.17 10.79
C ALA A 116 8.84 -6.89 9.44
N GLY A 117 9.99 -6.86 8.77
CA GLY A 117 10.22 -7.58 7.50
C GLY A 117 9.09 -7.41 6.50
N GLU A 118 8.59 -8.53 5.99
CA GLU A 118 7.66 -8.65 4.84
C GLU A 118 6.29 -8.04 5.19
N VAL A 119 6.01 -7.89 6.49
CA VAL A 119 4.70 -7.40 7.00
C VAL A 119 4.44 -5.98 6.50
N VAL A 120 5.47 -5.16 6.36
CA VAL A 120 5.29 -3.72 6.02
C VAL A 120 6.29 -3.31 4.92
N ALA A 121 6.75 -4.26 4.10
CA ALA A 121 7.80 -4.06 3.06
C ALA A 121 7.29 -3.14 1.95
N HIS A 122 6.07 -3.37 1.46
CA HIS A 122 5.47 -2.60 0.34
C HIS A 122 5.36 -1.12 0.72
N ALA A 123 4.99 -0.78 1.96
CA ALA A 123 4.77 0.60 2.42
C ALA A 123 6.12 1.27 2.72
N VAL A 124 7.01 0.56 3.42
CA VAL A 124 8.28 1.17 3.94
C VAL A 124 9.30 1.23 2.81
N GLY A 125 9.35 0.21 1.96
CA GLY A 125 10.34 0.12 0.85
C GLY A 125 11.72 -0.26 1.38
N PHE A 126 12.77 0.17 0.69
CA PHE A 126 14.17 -0.11 1.13
C PHE A 126 15.11 0.94 0.57
N THR A 127 16.33 0.88 1.10
CA THR A 127 17.54 1.62 0.67
C THR A 127 18.43 0.68 -0.17
N ASP A 128 19.38 1.24 -0.91
CA ASP A 128 20.46 0.48 -1.63
C ASP A 128 21.67 0.33 -0.71
N VAL A 129 22.73 -0.33 -1.17
CA VAL A 129 23.98 -0.56 -0.38
C VAL A 129 24.61 0.79 0.00
N ASP A 130 24.35 1.85 -0.77
CA ASP A 130 24.81 3.23 -0.47
C ASP A 130 23.81 3.94 0.47
N ASP A 131 22.84 3.22 1.04
CA ASP A 131 21.92 3.75 2.07
C ASP A 131 20.99 4.83 1.49
N ARG A 132 20.76 4.87 0.17
CA ARG A 132 19.77 5.80 -0.46
C ARG A 132 18.44 5.06 -0.60
N GLY A 133 17.32 5.77 -0.40
CA GLY A 133 15.96 5.24 -0.57
C GLY A 133 15.66 4.97 -2.02
N ARG A 134 15.22 3.75 -2.35
CA ARG A 134 14.91 3.33 -3.75
C ARG A 134 13.47 2.80 -3.93
N GLU A 135 12.72 2.54 -2.84
CA GLU A 135 11.32 2.04 -2.88
C GLU A 135 10.54 2.62 -1.71
N GLY A 136 9.21 2.67 -1.87
CA GLY A 136 8.23 3.00 -0.82
C GLY A 136 8.55 4.33 -0.17
N ILE A 137 8.28 4.41 1.13
CA ILE A 137 8.51 5.56 2.03
C ILE A 137 9.98 5.95 1.96
N GLU A 138 10.89 4.98 2.01
CA GLU A 138 12.35 5.26 1.96
C GLU A 138 12.62 6.22 0.79
N LEU A 139 12.07 5.98 -0.41
CA LEU A 139 12.24 6.87 -1.58
C LEU A 139 11.46 8.16 -1.36
N ALA A 140 10.16 8.07 -1.04
CA ALA A 140 9.25 9.23 -1.06
C ALA A 140 9.71 10.30 -0.05
N PHE A 141 10.29 9.89 1.09
CA PHE A 141 10.71 10.80 2.19
C PHE A 141 12.24 10.82 2.31
N ASP A 142 12.96 10.54 1.22
CA ASP A 142 14.43 10.35 1.20
C ASP A 142 15.11 11.62 1.70
N GLU A 143 14.62 12.81 1.31
CA GLU A 143 15.26 14.09 1.69
C GLU A 143 15.17 14.26 3.23
N TRP A 144 14.00 14.00 3.81
CA TRP A 144 13.71 14.09 5.26
C TRP A 144 14.55 13.09 6.06
N LEU A 145 14.68 11.86 5.57
CA LEU A 145 15.35 10.72 6.26
C LEU A 145 16.88 10.76 6.11
N ALA A 146 17.43 11.15 4.95
CA ALA A 146 18.88 11.03 4.62
C ALA A 146 19.72 12.00 5.46
N GLY A 147 19.21 13.19 5.77
CA GLY A 147 20.03 14.28 6.32
C GLY A 147 21.13 14.70 5.34
N VAL A 148 22.16 15.42 5.80
CA VAL A 148 23.29 15.87 4.92
C VAL A 148 24.59 15.24 5.39
N PRO A 149 25.35 14.60 4.47
CA PRO A 149 26.67 14.06 4.80
C PRO A 149 27.61 15.18 5.32
N GLY A 150 28.61 14.77 6.09
CA GLY A 150 29.73 15.64 6.50
C GLY A 150 30.95 15.37 5.63
N LYS A 151 31.99 16.19 5.81
CA LYS A 151 33.31 16.05 5.14
C LYS A 151 34.42 16.16 6.18
N ARG A 152 35.45 15.31 6.07
CA ARG A 152 36.68 15.32 6.90
C ARG A 152 37.91 15.39 5.98
N GLN A 153 38.93 16.14 6.41
CA GLN A 153 40.19 16.36 5.66
C GLN A 153 41.15 15.20 5.97
N VAL A 154 41.66 14.52 4.94
CA VAL A 154 42.52 13.31 5.10
C VAL A 154 43.82 13.50 4.28
N LEU A 155 44.97 13.61 4.95
CA LEU A 155 46.31 13.64 4.31
C LEU A 155 46.69 12.21 3.90
N LYS A 156 47.06 12.02 2.63
CA LYS A 156 47.62 10.77 2.06
C LYS A 156 49.08 11.02 1.69
N ASP A 157 50.00 10.06 1.88
CA ASP A 157 51.37 10.17 1.30
C ASP A 157 51.23 9.88 -0.20
N ARG A 158 52.32 9.96 -0.97
CA ARG A 158 52.24 10.07 -2.45
C ARG A 158 51.79 8.75 -3.09
N ARG A 159 51.66 7.68 -2.30
CA ARG A 159 51.27 6.33 -2.79
C ARG A 159 49.95 5.88 -2.11
N GLY A 160 49.17 6.80 -1.53
CA GLY A 160 47.76 6.56 -1.12
C GLY A 160 47.61 6.17 0.36
N ARG A 161 48.72 6.13 1.11
CA ARG A 161 48.72 5.80 2.56
C ARG A 161 48.01 6.91 3.36
N VAL A 162 46.87 6.59 3.97
CA VAL A 162 46.18 7.51 4.92
C VAL A 162 47.05 7.58 6.18
N ILE A 163 47.49 8.78 6.56
CA ILE A 163 48.38 9.01 7.73
C ILE A 163 47.57 9.73 8.81
N LYS A 164 47.29 11.02 8.64
CA LYS A 164 46.57 11.86 9.65
C LYS A 164 45.09 11.98 9.24
N ASP A 165 44.22 12.26 10.23
CA ASP A 165 42.89 12.89 10.05
C ASP A 165 43.02 14.34 10.53
N VAL A 166 43.28 15.25 9.58
CA VAL A 166 43.69 16.67 9.81
C VAL A 166 42.60 17.39 10.61
N GLN A 167 41.34 17.29 10.19
CA GLN A 167 40.17 17.89 10.89
C GLN A 167 38.86 17.35 10.31
N VAL A 168 37.75 17.74 10.96
CA VAL A 168 36.36 17.69 10.44
C VAL A 168 36.04 19.07 9.87
N THR A 169 35.87 19.20 8.54
CA THR A 169 35.50 20.47 7.85
C THR A 169 34.03 20.80 8.16
N LYS A 170 33.12 19.88 7.87
CA LYS A 170 31.64 20.06 8.00
C LYS A 170 31.04 18.82 8.66
N ASN A 171 30.35 19.00 9.78
CA ASN A 171 29.67 17.90 10.54
C ASN A 171 28.48 17.36 9.74
N ALA A 172 28.27 16.05 9.83
CA ALA A 172 27.08 15.34 9.29
C ALA A 172 25.86 15.76 10.10
N LYS A 173 24.77 16.20 9.46
CA LYS A 173 23.45 16.41 10.13
C LYS A 173 22.66 15.11 10.04
N PRO A 174 22.16 14.57 11.16
CA PRO A 174 21.37 13.33 11.12
C PRO A 174 20.03 13.51 10.36
N GLY A 175 19.52 12.43 9.76
CA GLY A 175 18.13 12.37 9.26
C GLY A 175 17.12 12.66 10.37
N LYS A 176 15.88 12.96 10.02
CA LYS A 176 14.80 13.22 11.00
C LYS A 176 13.93 11.98 11.11
N THR A 177 13.47 11.68 12.32
CA THR A 177 12.51 10.59 12.61
C THR A 177 11.28 10.81 11.72
N LEU A 178 10.68 9.73 11.21
CA LEU A 178 9.40 9.76 10.46
C LEU A 178 8.44 8.75 11.09
N ALA A 179 7.30 9.24 11.59
CA ALA A 179 6.23 8.41 12.17
C ALA A 179 5.16 8.20 11.10
N LEU A 180 4.97 6.97 10.63
CA LEU A 180 3.93 6.62 9.64
C LEU A 180 2.54 6.58 10.29
N SER A 181 1.51 6.64 9.45
CA SER A 181 0.09 6.51 9.86
C SER A 181 -0.17 5.05 10.22
N ILE A 182 0.63 4.12 9.71
CA ILE A 182 0.42 2.65 9.89
C ILE A 182 0.36 2.38 11.40
N ASP A 183 -0.58 1.53 11.82
CA ASP A 183 -0.60 0.95 13.19
C ASP A 183 -0.08 -0.47 13.07
N LEU A 184 1.09 -0.74 13.62
CA LEU A 184 1.75 -2.03 13.40
C LEU A 184 0.85 -3.17 13.86
N ARG A 185 0.04 -2.99 14.91
CA ARG A 185 -0.88 -4.05 15.41
C ARG A 185 -1.96 -4.38 14.35
N LEU A 186 -2.53 -3.38 13.68
CA LEU A 186 -3.54 -3.60 12.60
C LEU A 186 -2.82 -4.16 11.37
N GLN A 187 -1.63 -3.66 11.07
CA GLN A 187 -0.83 -4.15 9.91
C GLN A 187 -0.64 -5.66 10.06
N TYR A 188 -0.27 -6.15 11.25
CA TYR A 188 0.03 -7.59 11.49
C TYR A 188 -1.25 -8.41 11.25
N LEU A 189 -2.35 -7.96 11.85
CA LEU A 189 -3.67 -8.60 11.71
C LEU A 189 -4.05 -8.64 10.23
N ALA A 190 -3.95 -7.52 9.55
CA ALA A 190 -4.30 -7.40 8.12
C ALA A 190 -3.46 -8.39 7.28
N HIS A 191 -2.16 -8.40 7.54
CA HIS A 191 -1.15 -9.24 6.85
C HIS A 191 -1.54 -10.73 6.98
N ARG A 192 -1.81 -11.21 8.19
CA ARG A 192 -2.11 -12.64 8.48
C ARG A 192 -3.39 -13.02 7.75
N GLU A 193 -4.45 -12.25 7.91
CA GLU A 193 -5.81 -12.64 7.44
C GLU A 193 -5.85 -12.61 5.91
N LEU A 194 -5.14 -11.69 5.26
CA LEU A 194 -5.09 -11.63 3.79
C LEU A 194 -4.33 -12.88 3.31
N ARG A 195 -3.21 -13.19 3.96
CA ARG A 195 -2.42 -14.40 3.68
C ARG A 195 -3.32 -15.63 3.87
N ASN A 196 -4.06 -15.74 4.98
CA ASN A 196 -4.90 -16.93 5.26
C ASN A 196 -5.93 -17.10 4.16
N ALA A 197 -6.62 -16.02 3.78
CA ALA A 197 -7.69 -16.07 2.76
C ALA A 197 -7.09 -16.40 1.39
N LEU A 198 -5.88 -15.90 1.14
CA LEU A 198 -5.19 -16.13 -0.14
C LEU A 198 -4.95 -17.63 -0.27
N LEU A 199 -4.48 -18.26 0.80
CA LEU A 199 -4.14 -19.72 0.83
C LEU A 199 -5.45 -20.53 0.76
N GLU A 200 -6.43 -20.16 1.58
CA GLU A 200 -7.77 -20.78 1.66
C GLU A 200 -8.44 -20.78 0.27
N ASN A 201 -8.17 -19.78 -0.60
CA ASN A 201 -8.86 -19.66 -1.91
C ASN A 201 -7.92 -19.94 -3.07
N GLY A 202 -6.66 -20.33 -2.82
CA GLY A 202 -5.67 -20.55 -3.91
C GLY A 202 -5.57 -19.33 -4.82
N ALA A 203 -5.61 -18.14 -4.21
CA ALA A 203 -5.62 -16.84 -4.92
C ALA A 203 -4.19 -16.52 -5.35
N LYS A 204 -4.06 -15.76 -6.44
CA LYS A 204 -2.77 -15.38 -7.07
C LYS A 204 -2.16 -14.20 -6.29
N ALA A 205 -2.98 -13.27 -5.83
CA ALA A 205 -2.55 -11.99 -5.24
C ALA A 205 -3.71 -11.37 -4.46
N GLY A 206 -3.45 -10.31 -3.72
CA GLY A 206 -4.55 -9.52 -3.13
C GLY A 206 -4.03 -8.33 -2.37
N SER A 207 -4.94 -7.46 -1.95
CA SER A 207 -4.62 -6.22 -1.20
C SER A 207 -5.63 -6.04 -0.09
N LEU A 208 -5.23 -5.38 0.97
CA LEU A 208 -6.15 -4.96 2.04
C LEU A 208 -5.65 -3.59 2.50
N VAL A 209 -6.56 -2.62 2.55
CA VAL A 209 -6.32 -1.22 3.01
C VAL A 209 -7.29 -0.90 4.14
N ILE A 210 -6.82 -0.29 5.21
CA ILE A 210 -7.67 0.22 6.32
C ILE A 210 -7.42 1.73 6.44
N MET A 211 -8.49 2.51 6.51
CA MET A 211 -8.46 3.99 6.68
C MET A 211 -9.19 4.37 7.96
N ASP A 212 -8.63 5.35 8.67
CA ASP A 212 -9.32 6.16 9.68
C ASP A 212 -10.23 7.16 8.96
N VAL A 213 -11.55 7.03 9.07
CA VAL A 213 -12.47 7.83 8.23
C VAL A 213 -12.45 9.29 8.66
N LYS A 214 -11.96 9.56 9.87
CA LYS A 214 -11.99 10.90 10.50
C LYS A 214 -10.71 11.70 10.21
N THR A 215 -9.58 11.04 9.94
CA THR A 215 -8.25 11.71 9.94
C THR A 215 -7.56 11.59 8.58
N GLY A 216 -8.06 10.75 7.67
CA GLY A 216 -7.43 10.46 6.36
C GLY A 216 -6.25 9.50 6.47
N GLU A 217 -6.04 8.86 7.62
CA GLU A 217 -4.80 8.07 7.86
C GLU A 217 -4.99 6.64 7.37
N ILE A 218 -3.99 6.13 6.67
CA ILE A 218 -3.91 4.71 6.24
C ILE A 218 -3.36 3.95 7.43
N LEU A 219 -4.22 3.22 8.12
CA LEU A 219 -3.84 2.49 9.37
C LEU A 219 -3.18 1.16 9.00
N ALA A 220 -3.50 0.59 7.84
CA ALA A 220 -2.86 -0.63 7.32
C ALA A 220 -2.93 -0.66 5.80
N MET A 221 -1.89 -1.20 5.19
CA MET A 221 -1.79 -1.39 3.73
C MET A 221 -0.89 -2.62 3.51
N THR A 222 -1.47 -3.77 3.16
CA THR A 222 -0.74 -5.05 2.97
C THR A 222 -1.11 -5.62 1.61
N ASN A 223 -0.17 -6.35 1.02
CA ASN A 223 -0.36 -7.05 -0.27
C ASN A 223 0.27 -8.43 -0.16
N GLN A 224 -0.27 -9.34 -0.96
CA GLN A 224 0.29 -10.67 -1.23
C GLN A 224 0.45 -10.74 -2.74
N PRO A 225 1.57 -11.28 -3.24
CA PRO A 225 2.67 -11.71 -2.38
C PRO A 225 3.54 -10.54 -1.91
N THR A 226 4.41 -10.84 -0.95
CA THR A 226 5.36 -9.89 -0.34
C THR A 226 6.74 -10.54 -0.39
N TYR A 227 7.74 -9.89 0.21
CA TYR A 227 9.17 -10.29 0.23
C TYR A 227 9.78 -9.78 1.53
N ASN A 228 10.92 -10.36 1.91
CA ASN A 228 11.69 -9.93 3.09
C ASN A 228 12.68 -8.88 2.61
N PRO A 229 12.51 -7.59 2.98
CA PRO A 229 13.44 -6.54 2.55
C PRO A 229 14.83 -6.68 3.19
N ASN A 230 14.93 -7.45 4.29
CA ASN A 230 16.22 -7.74 5.00
C ASN A 230 17.06 -8.70 4.16
N ASN A 231 16.44 -9.47 3.25
CA ASN A 231 17.06 -10.57 2.48
C ASN A 231 16.50 -10.55 1.05
N ARG A 232 17.02 -9.66 0.20
CA ARG A 232 16.39 -9.32 -1.10
C ARG A 232 17.03 -10.14 -2.23
N ARG A 233 17.76 -11.22 -1.93
CA ARG A 233 18.57 -11.95 -2.93
C ARG A 233 17.64 -12.93 -3.67
N ASN A 234 17.78 -12.99 -5.00
CA ASN A 234 17.02 -13.86 -5.94
C ASN A 234 15.51 -13.67 -5.69
N LEU A 235 14.97 -12.55 -6.17
CA LEU A 235 13.66 -11.99 -5.76
C LEU A 235 12.93 -11.47 -7.00
N GLN A 236 11.76 -12.03 -7.34
CA GLN A 236 10.99 -11.65 -8.55
C GLN A 236 10.40 -10.25 -8.36
N PRO A 237 10.22 -9.47 -9.46
CA PRO A 237 9.59 -8.15 -9.35
C PRO A 237 8.17 -8.26 -8.76
N ALA A 238 7.39 -9.25 -9.19
CA ALA A 238 5.97 -9.48 -8.83
C ALA A 238 5.72 -9.30 -7.32
N ALA A 239 6.64 -9.77 -6.47
CA ALA A 239 6.45 -9.77 -5.01
C ALA A 239 6.84 -8.40 -4.43
N MET A 240 7.45 -7.53 -5.23
CA MET A 240 7.88 -6.19 -4.74
C MET A 240 6.77 -5.15 -4.96
N ARG A 241 5.77 -5.44 -5.81
CA ARG A 241 4.70 -4.49 -6.21
C ARG A 241 3.79 -4.19 -5.01
N ASN A 242 3.69 -2.91 -4.64
CA ASN A 242 2.65 -2.38 -3.72
C ASN A 242 1.35 -2.23 -4.51
N ARG A 243 0.59 -3.33 -4.63
CA ARG A 243 -0.59 -3.47 -5.53
C ARG A 243 -1.69 -2.52 -5.10
N ALA A 244 -1.82 -2.29 -3.79
CA ALA A 244 -2.82 -1.36 -3.21
C ALA A 244 -2.69 0.03 -3.84
N MET A 245 -1.53 0.37 -4.43
CA MET A 245 -1.30 1.73 -4.97
C MET A 245 -0.92 1.70 -6.46
N ILE A 246 -0.27 0.65 -6.96
CA ILE A 246 0.28 0.65 -8.35
C ILE A 246 -0.56 -0.24 -9.28
N ASP A 247 -1.44 -1.10 -8.75
CA ASP A 247 -2.34 -1.95 -9.56
C ASP A 247 -3.68 -1.24 -9.79
N VAL A 248 -4.15 -1.15 -11.03
CA VAL A 248 -5.51 -0.62 -11.33
C VAL A 248 -6.43 -1.81 -11.65
N PHE A 249 -7.67 -1.76 -11.19
CA PHE A 249 -8.67 -2.79 -11.50
C PHE A 249 -10.02 -2.12 -11.70
N GLU A 250 -10.94 -2.85 -12.32
CA GLU A 250 -12.36 -2.46 -12.41
C GLU A 250 -13.02 -2.81 -11.07
N PRO A 251 -13.63 -1.82 -10.37
CA PRO A 251 -14.17 -2.03 -9.03
C PRO A 251 -15.57 -2.67 -9.04
N GLY A 252 -16.16 -2.77 -10.22
CA GLY A 252 -17.50 -3.35 -10.40
C GLY A 252 -18.48 -2.74 -9.42
N SER A 253 -19.17 -3.61 -8.72
CA SER A 253 -20.43 -3.25 -8.05
C SER A 253 -20.15 -2.51 -6.75
N THR A 254 -18.88 -2.37 -6.36
CA THR A 254 -18.48 -1.60 -5.17
C THR A 254 -18.67 -0.10 -5.42
N VAL A 255 -18.94 0.32 -6.66
CA VAL A 255 -19.21 1.75 -6.99
C VAL A 255 -20.71 2.03 -6.92
N LYS A 256 -21.54 1.00 -6.78
CA LYS A 256 -23.01 1.18 -6.83
C LYS A 256 -23.48 2.16 -5.78
N PRO A 257 -22.92 2.20 -4.55
CA PRO A 257 -23.30 3.22 -3.56
C PRO A 257 -23.07 4.68 -3.99
N PHE A 258 -22.13 4.95 -4.92
CA PHE A 258 -21.89 6.29 -5.49
C PHE A 258 -22.99 6.61 -6.50
N SER A 259 -23.39 5.64 -7.32
CA SER A 259 -24.55 5.75 -8.23
C SER A 259 -25.80 6.04 -7.40
N MET A 260 -26.01 5.29 -6.33
CA MET A 260 -27.16 5.47 -5.45
C MET A 260 -27.12 6.88 -4.83
N SER A 261 -25.94 7.35 -4.44
CA SER A 261 -25.71 8.71 -3.91
C SER A 261 -26.22 9.77 -4.89
N ALA A 262 -25.86 9.63 -6.16
CA ALA A 262 -26.35 10.55 -7.21
C ALA A 262 -27.87 10.42 -7.29
N ALA A 263 -28.42 9.20 -7.25
CA ALA A 263 -29.87 8.99 -7.36
C ALA A 263 -30.60 9.76 -6.24
N LEU A 264 -30.17 9.63 -4.98
CA LEU A 264 -30.86 10.24 -3.81
C LEU A 264 -30.66 11.76 -3.77
N ALA A 265 -29.60 12.29 -4.39
CA ALA A 265 -29.28 13.75 -4.42
C ALA A 265 -30.02 14.45 -5.57
N SER A 266 -30.52 13.72 -6.56
CA SER A 266 -31.23 14.22 -7.79
C SER A 266 -32.62 14.75 -7.46
N GLY A 267 -33.19 14.33 -6.32
CA GLY A 267 -34.58 14.66 -5.94
C GLY A 267 -35.60 13.69 -6.48
N ARG A 268 -35.19 12.71 -7.29
CA ARG A 268 -36.13 11.85 -8.05
C ARG A 268 -36.26 10.44 -7.44
N TRP A 269 -35.49 10.08 -6.41
CA TRP A 269 -35.44 8.70 -5.87
C TRP A 269 -35.36 8.74 -4.35
N LYS A 270 -35.99 7.78 -3.69
CA LYS A 270 -35.84 7.54 -2.23
C LYS A 270 -35.72 6.04 -2.04
N PRO A 271 -35.18 5.56 -0.90
CA PRO A 271 -34.90 4.14 -0.71
C PRO A 271 -36.08 3.19 -0.99
N SER A 272 -37.33 3.63 -0.76
CA SER A 272 -38.53 2.76 -0.84
C SER A 272 -39.05 2.71 -2.28
N ASP A 273 -38.47 3.46 -3.19
CA ASP A 273 -38.85 3.46 -4.63
C ASP A 273 -38.55 2.08 -5.24
N ILE A 274 -39.34 1.72 -6.25
CA ILE A 274 -39.35 0.38 -6.90
C ILE A 274 -38.73 0.49 -8.29
N VAL A 275 -37.88 -0.46 -8.70
CA VAL A 275 -37.44 -0.64 -10.11
C VAL A 275 -37.74 -2.09 -10.53
N ASP A 276 -38.28 -2.22 -11.73
CA ASP A 276 -38.65 -3.52 -12.34
C ASP A 276 -37.41 -4.01 -13.10
N VAL A 277 -36.83 -5.13 -12.64
CA VAL A 277 -35.59 -5.69 -13.23
C VAL A 277 -35.88 -6.94 -14.06
N TYR A 278 -37.14 -7.37 -14.20
CA TYR A 278 -37.55 -8.57 -14.98
C TYR A 278 -37.23 -8.34 -16.46
N PRO A 279 -36.66 -9.28 -17.21
CA PRO A 279 -36.29 -10.62 -16.73
C PRO A 279 -34.85 -10.85 -16.23
N GLY A 280 -34.23 -9.81 -15.67
CA GLY A 280 -32.83 -9.85 -15.19
C GLY A 280 -31.84 -9.62 -16.32
N THR A 281 -32.32 -9.18 -17.48
CA THR A 281 -31.46 -8.73 -18.61
C THR A 281 -32.10 -7.45 -19.15
N LEU A 282 -31.34 -6.67 -19.90
CA LEU A 282 -31.83 -5.44 -20.58
C LEU A 282 -30.95 -5.21 -21.79
N GLN A 283 -31.52 -5.36 -22.98
CA GLN A 283 -30.79 -5.19 -24.26
C GLN A 283 -30.64 -3.67 -24.51
N ILE A 284 -29.41 -3.19 -24.69
CA ILE A 284 -29.05 -1.78 -25.09
C ILE A 284 -28.26 -1.84 -26.43
N GLY A 285 -28.84 -1.31 -27.51
CA GLY A 285 -28.35 -1.58 -28.87
C GLY A 285 -27.81 -3.00 -28.95
N ARG A 286 -26.52 -3.15 -29.26
CA ARG A 286 -25.85 -4.46 -29.49
C ARG A 286 -25.56 -5.14 -28.14
N TYR A 287 -25.41 -4.34 -27.07
CA TYR A 287 -24.90 -4.76 -25.73
C TYR A 287 -26.03 -5.35 -24.87
N THR A 288 -25.71 -6.31 -23.99
CA THR A 288 -26.67 -6.93 -23.03
C THR A 288 -26.22 -6.69 -21.59
N ILE A 289 -27.02 -5.99 -20.81
CA ILE A 289 -26.84 -5.87 -19.33
C ILE A 289 -27.52 -7.07 -18.66
N ARG A 290 -26.81 -7.71 -17.74
CA ARG A 290 -27.14 -9.03 -17.17
C ARG A 290 -26.97 -9.01 -15.65
N ASP A 291 -27.93 -9.55 -14.90
CA ASP A 291 -27.80 -9.81 -13.44
C ASP A 291 -27.39 -11.28 -13.28
N VAL A 292 -26.74 -11.63 -12.18
CA VAL A 292 -26.45 -13.05 -11.86
C VAL A 292 -27.78 -13.70 -11.50
N SER A 293 -28.48 -13.17 -10.51
CA SER A 293 -29.78 -13.71 -10.04
C SER A 293 -30.88 -13.07 -10.88
N ARG A 294 -31.67 -13.88 -11.61
CA ARG A 294 -32.65 -13.41 -12.61
C ARG A 294 -34.05 -13.91 -12.26
N ASN A 295 -34.41 -13.88 -10.96
CA ASN A 295 -35.73 -14.33 -10.43
C ASN A 295 -36.37 -13.17 -9.64
N SER A 296 -36.19 -11.94 -10.11
CA SER A 296 -36.69 -10.70 -9.47
C SER A 296 -37.57 -9.94 -10.46
N ARG A 297 -38.59 -9.24 -9.98
CA ARG A 297 -39.29 -8.23 -10.81
C ARG A 297 -39.04 -6.88 -10.12
N GLN A 298 -39.90 -6.51 -9.19
CA GLN A 298 -39.80 -5.24 -8.43
C GLN A 298 -38.75 -5.40 -7.34
N LEU A 299 -37.84 -4.45 -7.26
CA LEU A 299 -36.83 -4.30 -6.19
C LEU A 299 -36.82 -2.84 -5.74
N ASP A 300 -36.85 -2.62 -4.42
CA ASP A 300 -36.55 -1.29 -3.85
C ASP A 300 -35.04 -1.09 -3.95
N LEU A 301 -34.59 0.13 -3.64
CA LEU A 301 -33.21 0.57 -3.95
C LEU A 301 -32.25 -0.23 -3.08
N THR A 302 -32.66 -0.63 -1.89
CA THR A 302 -31.82 -1.46 -0.98
C THR A 302 -31.71 -2.85 -1.60
N GLY A 303 -32.80 -3.37 -2.13
CA GLY A 303 -32.83 -4.67 -2.79
C GLY A 303 -31.88 -4.71 -3.98
N ILE A 304 -31.81 -3.61 -4.75
CA ILE A 304 -30.90 -3.51 -5.91
C ILE A 304 -29.47 -3.73 -5.41
N LEU A 305 -29.09 -3.19 -4.26
CA LEU A 305 -27.72 -3.32 -3.71
C LEU A 305 -27.56 -4.75 -3.15
N ILE A 306 -28.53 -5.25 -2.38
CA ILE A 306 -28.47 -6.62 -1.78
C ILE A 306 -28.34 -7.66 -2.89
N LYS A 307 -29.14 -7.55 -3.95
CA LYS A 307 -29.14 -8.51 -5.08
C LYS A 307 -28.11 -8.12 -6.15
N SER A 308 -27.31 -7.07 -5.92
CA SER A 308 -26.31 -6.58 -6.90
CA SER A 308 -26.34 -6.49 -6.89
C SER A 308 -26.88 -6.62 -8.33
N SER A 309 -28.10 -6.10 -8.54
CA SER A 309 -28.76 -5.92 -9.87
C SER A 309 -28.13 -4.77 -10.68
N ASN A 310 -27.32 -5.12 -11.68
CA ASN A 310 -26.80 -4.23 -12.74
C ASN A 310 -27.95 -3.58 -13.51
N VAL A 311 -29.01 -4.33 -13.79
CA VAL A 311 -30.21 -3.83 -14.52
C VAL A 311 -30.90 -2.76 -13.66
N GLY A 312 -31.05 -2.96 -12.36
CA GLY A 312 -31.66 -1.95 -11.47
C GLY A 312 -30.87 -0.64 -11.46
N ILE A 313 -29.56 -0.70 -11.30
CA ILE A 313 -28.76 0.56 -11.17
C ILE A 313 -28.71 1.24 -12.55
N SER A 314 -28.76 0.47 -13.64
CA SER A 314 -28.73 0.97 -15.04
C SER A 314 -30.00 1.81 -15.31
N LYS A 315 -31.15 1.29 -14.90
CA LYS A 315 -32.44 2.00 -15.15
C LYS A 315 -32.44 3.28 -14.30
N ILE A 316 -31.95 3.20 -13.07
CA ILE A 316 -31.79 4.43 -12.25
C ILE A 316 -30.87 5.42 -12.98
N ALA A 317 -29.75 4.95 -13.54
CA ALA A 317 -28.76 5.79 -14.23
C ALA A 317 -29.38 6.47 -15.47
N PHE A 318 -30.21 5.77 -16.23
CA PHE A 318 -30.93 6.35 -17.39
C PHE A 318 -31.77 7.53 -16.92
N ASP A 319 -32.47 7.36 -15.80
CA ASP A 319 -33.42 8.37 -15.25
C ASP A 319 -32.68 9.60 -14.73
N ILE A 320 -31.53 9.47 -14.04
CA ILE A 320 -30.84 10.63 -13.39
C ILE A 320 -29.72 11.21 -14.29
N GLY A 321 -29.20 10.44 -15.26
CA GLY A 321 -28.13 10.88 -16.17
C GLY A 321 -26.73 10.57 -15.63
N ALA A 322 -25.83 10.10 -16.50
CA ALA A 322 -24.45 9.69 -16.17
C ALA A 322 -23.67 10.85 -15.56
N GLU A 323 -23.90 12.07 -16.04
CA GLU A 323 -23.23 13.30 -15.59
C GLU A 323 -23.28 13.39 -14.04
N SER A 324 -24.45 13.18 -13.42
CA SER A 324 -24.59 13.27 -11.95
C SER A 324 -23.75 12.14 -11.28
N ILE A 325 -23.69 10.97 -11.93
CA ILE A 325 -22.96 9.78 -11.41
C ILE A 325 -21.46 10.02 -11.51
N TYR A 326 -20.98 10.38 -12.71
CA TYR A 326 -19.58 10.77 -12.98
C TYR A 326 -19.10 11.72 -11.87
N SER A 327 -19.87 12.76 -11.65
CA SER A 327 -19.54 13.85 -10.72
C SER A 327 -19.30 13.34 -9.28
N VAL A 328 -20.22 12.56 -8.69
CA VAL A 328 -19.98 11.95 -7.35
C VAL A 328 -18.70 11.10 -7.41
N MET A 329 -18.48 10.33 -8.47
CA MET A 329 -17.31 9.41 -8.53
C MET A 329 -16.02 10.23 -8.60
N GLN A 330 -16.02 11.28 -9.40
CA GLN A 330 -14.89 12.22 -9.54
C GLN A 330 -14.64 12.86 -8.16
N GLN A 331 -15.71 13.29 -7.50
CA GLN A 331 -15.62 14.07 -6.24
C GLN A 331 -15.01 13.20 -5.14
N VAL A 332 -15.37 11.91 -5.06
CA VAL A 332 -14.90 11.01 -3.96
C VAL A 332 -13.53 10.41 -4.33
N GLY A 333 -13.00 10.73 -5.52
CA GLY A 333 -11.58 10.50 -5.86
C GLY A 333 -11.32 9.29 -6.75
N LEU A 334 -12.34 8.63 -7.27
CA LEU A 334 -12.16 7.45 -8.14
C LEU A 334 -11.50 7.90 -9.44
N GLY A 335 -10.38 7.27 -9.81
CA GLY A 335 -9.60 7.61 -11.03
C GLY A 335 -9.01 9.01 -10.98
N GLN A 336 -8.79 9.54 -9.76
CA GLN A 336 -8.23 10.88 -9.49
C GLN A 336 -6.93 10.70 -8.67
N ASP A 337 -5.97 11.60 -8.88
CA ASP A 337 -4.67 11.63 -8.16
C ASP A 337 -4.94 11.76 -6.64
N THR A 338 -4.36 10.88 -5.82
CA THR A 338 -4.55 10.88 -4.35
C THR A 338 -3.72 12.02 -3.75
N GLY A 339 -2.59 12.33 -4.40
CA GLY A 339 -1.63 13.35 -3.96
C GLY A 339 -0.83 12.88 -2.75
N LEU A 340 -0.46 11.59 -2.70
CA LEU A 340 0.43 11.06 -1.65
C LEU A 340 1.88 11.19 -2.09
N GLY A 341 2.12 11.20 -3.41
CA GLY A 341 3.45 11.39 -4.02
C GLY A 341 4.29 10.14 -3.83
N PHE A 342 3.64 8.99 -3.89
CA PHE A 342 4.23 7.66 -3.59
C PHE A 342 4.74 7.07 -4.89
N PRO A 343 6.00 6.55 -4.94
CA PRO A 343 6.60 6.09 -6.19
C PRO A 343 5.77 5.04 -6.94
N GLY A 344 5.53 5.25 -8.24
CA GLY A 344 4.80 4.34 -9.14
C GLY A 344 3.30 4.33 -8.90
N GLU A 345 2.76 5.29 -8.14
CA GLU A 345 1.30 5.32 -7.85
C GLU A 345 0.52 5.56 -9.14
N ARG A 346 -0.49 4.73 -9.37
CA ARG A 346 -1.40 4.85 -10.54
C ARG A 346 -2.64 5.64 -10.11
N VAL A 347 -3.20 6.36 -11.09
CA VAL A 347 -4.37 7.27 -10.95
C VAL A 347 -5.62 6.47 -11.36
N GLY A 348 -5.44 5.52 -12.29
CA GLY A 348 -6.54 4.76 -12.90
C GLY A 348 -7.21 5.58 -13.99
N ASN A 349 -8.48 5.30 -14.26
CA ASN A 349 -9.24 6.05 -15.28
C ASN A 349 -10.73 6.05 -14.95
N LEU A 350 -11.28 7.25 -14.78
CA LEU A 350 -12.74 7.53 -14.76
C LEU A 350 -13.12 8.16 -16.09
N PRO A 351 -13.73 7.39 -17.01
CA PRO A 351 -13.96 7.89 -18.36
C PRO A 351 -14.95 9.07 -18.29
N ASN A 352 -14.69 10.15 -19.03
CA ASN A 352 -15.66 11.26 -19.15
C ASN A 352 -16.15 11.33 -20.60
N HIS A 353 -17.33 11.93 -20.82
CA HIS A 353 -17.95 12.13 -22.15
C HIS A 353 -18.53 13.54 -22.23
N ARG A 354 -18.47 14.13 -23.43
CA ARG A 354 -19.14 15.42 -23.70
C ARG A 354 -20.64 15.16 -23.54
N LYS A 355 -21.15 14.14 -24.23
CA LYS A 355 -22.55 13.66 -24.14
C LYS A 355 -22.55 12.14 -23.95
N TRP A 356 -23.09 11.69 -22.82
CA TRP A 356 -23.08 10.27 -22.40
C TRP A 356 -24.11 9.47 -23.20
N PRO A 357 -23.68 8.46 -24.00
CA PRO A 357 -24.60 7.48 -24.59
C PRO A 357 -25.25 6.57 -23.54
N LYS A 358 -26.22 5.76 -23.97
CA LYS A 358 -27.00 4.85 -23.09
C LYS A 358 -26.10 3.76 -22.50
N ALA A 359 -25.35 3.06 -23.35
CA ALA A 359 -24.55 1.89 -22.96
C ALA A 359 -23.54 2.31 -21.87
N GLU A 360 -22.90 3.47 -22.04
CA GLU A 360 -21.81 3.94 -21.15
C GLU A 360 -22.44 4.46 -19.86
N THR A 361 -23.67 4.97 -19.93
CA THR A 361 -24.42 5.45 -18.74
C THR A 361 -24.59 4.27 -17.78
N ALA A 362 -24.97 3.10 -18.30
CA ALA A 362 -25.25 1.88 -17.51
C ALA A 362 -23.96 1.33 -16.91
N THR A 363 -22.94 1.13 -17.75
CA THR A 363 -21.66 0.47 -17.41
C THR A 363 -20.95 1.30 -16.34
N LEU A 364 -20.98 2.62 -16.46
CA LEU A 364 -20.43 3.53 -15.43
C LEU A 364 -21.06 3.22 -14.07
N ALA A 365 -22.39 3.16 -14.06
CA ALA A 365 -23.24 3.02 -12.87
C ALA A 365 -22.94 1.73 -12.11
N TYR A 366 -22.52 0.62 -12.75
CA TYR A 366 -22.12 -0.62 -12.04
C TYR A 366 -20.63 -0.97 -12.18
N GLY A 367 -19.77 -0.03 -12.56
CA GLY A 367 -18.31 -0.15 -12.34
C GLY A 367 -17.58 -0.94 -13.42
N TYR A 368 -18.16 -1.02 -14.62
CA TYR A 368 -17.53 -1.59 -15.83
C TYR A 368 -16.88 -0.44 -16.63
N GLY A 369 -15.66 -0.65 -17.15
CA GLY A 369 -14.89 0.33 -17.95
C GLY A 369 -14.29 1.46 -17.11
N LEU A 370 -14.24 1.27 -15.79
CA LEU A 370 -13.66 2.18 -14.79
C LEU A 370 -12.38 1.51 -14.30
N SER A 371 -11.32 2.25 -13.97
CA SER A 371 -10.10 1.69 -13.31
C SER A 371 -9.78 2.48 -12.05
N VAL A 372 -9.59 1.80 -10.91
CA VAL A 372 -9.23 2.42 -9.60
C VAL A 372 -8.09 1.62 -8.93
N THR A 373 -7.52 2.20 -7.87
CA THR A 373 -6.60 1.51 -6.93
C THR A 373 -7.41 1.11 -5.68
N ALA A 374 -6.95 0.13 -4.92
CA ALA A 374 -7.53 -0.19 -3.59
C ALA A 374 -7.55 1.08 -2.72
N ILE A 375 -6.50 1.90 -2.79
CA ILE A 375 -6.41 3.15 -1.98
C ILE A 375 -7.56 4.09 -2.34
N GLN A 376 -7.81 4.34 -3.63
CA GLN A 376 -8.89 5.27 -4.06
C GLN A 376 -10.22 4.73 -3.54
N LEU A 377 -10.45 3.44 -3.67
CA LEU A 377 -11.73 2.83 -3.29
C LEU A 377 -11.93 2.99 -1.78
N ALA A 378 -10.86 2.81 -1.01
CA ALA A 378 -10.89 2.93 0.46
C ALA A 378 -11.22 4.38 0.79
N HIS A 379 -10.57 5.33 0.10
CA HIS A 379 -10.74 6.78 0.35
C HIS A 379 -12.19 7.16 0.06
N ALA A 380 -12.77 6.60 -1.01
CA ALA A 380 -14.16 6.92 -1.39
C ALA A 380 -15.11 6.44 -0.30
N TYR A 381 -14.86 5.26 0.28
CA TYR A 381 -15.74 4.64 1.32
C TYR A 381 -15.54 5.39 2.63
N ALA A 382 -14.32 5.86 2.87
CA ALA A 382 -13.98 6.75 4.00
C ALA A 382 -14.84 8.01 3.94
N ALA A 383 -14.92 8.70 2.81
CA ALA A 383 -15.74 9.93 2.63
C ALA A 383 -17.23 9.63 2.94
N LEU A 384 -17.76 8.54 2.41
CA LEU A 384 -19.17 8.12 2.63
C LEU A 384 -19.43 7.84 4.12
N ALA A 385 -18.49 7.20 4.81
CA ALA A 385 -18.60 6.82 6.23
C ALA A 385 -18.55 8.07 7.14
N ASN A 386 -17.75 9.05 6.75
CA ASN A 386 -17.50 10.32 7.49
C ASN A 386 -18.53 11.36 7.04
N ASP A 387 -19.80 10.96 6.86
CA ASP A 387 -20.99 11.80 6.55
C ASP A 387 -20.72 12.67 5.31
N GLY A 388 -20.04 12.08 4.33
CA GLY A 388 -19.90 12.66 2.99
C GLY A 388 -18.73 13.62 2.92
N LYS A 389 -17.88 13.67 3.95
CA LYS A 389 -16.71 14.58 4.02
C LYS A 389 -15.42 13.81 3.74
N SER A 390 -14.74 14.15 2.64
CA SER A 390 -13.43 13.58 2.24
C SER A 390 -12.29 14.28 2.97
N VAL A 391 -11.61 13.58 3.86
CA VAL A 391 -10.36 14.08 4.50
C VAL A 391 -9.20 13.64 3.63
N PRO A 392 -8.20 14.51 3.39
CA PRO A 392 -7.02 14.16 2.59
C PRO A 392 -6.26 12.94 3.13
N LEU A 393 -5.75 12.11 2.23
CA LEU A 393 -5.01 10.88 2.60
C LEU A 393 -3.68 11.25 3.24
N SER A 394 -3.24 10.56 4.28
CA SER A 394 -1.85 10.63 4.77
C SER A 394 -1.28 9.25 5.05
N MET A 395 0.00 9.09 4.71
CA MET A 395 0.81 7.89 5.03
CA MET A 395 0.83 7.90 5.01
C MET A 395 1.67 8.19 6.27
N THR A 396 1.63 9.43 6.75
CA THR A 396 2.31 9.89 8.00
C THR A 396 1.30 10.15 9.12
N ARG A 397 1.74 10.06 10.38
CA ARG A 397 0.90 10.33 11.58
C ARG A 397 0.33 11.75 11.46
N VAL A 398 -1.00 11.88 11.61
CA VAL A 398 -1.71 13.19 11.57
C VAL A 398 -2.00 13.60 13.01
N ASP A 399 -1.39 14.70 13.44
CA ASP A 399 -1.56 15.29 14.78
C ASP A 399 -2.58 16.44 14.60
N ARG A 400 -2.38 17.31 13.60
CA ARG A 400 -3.37 18.34 13.21
C ARG A 400 -4.09 17.87 11.95
N VAL A 401 -5.39 17.54 12.09
CA VAL A 401 -6.23 16.99 10.99
C VAL A 401 -6.63 18.16 10.09
N PRO A 402 -6.29 18.13 8.78
CA PRO A 402 -6.75 19.17 7.84
C PRO A 402 -8.26 19.11 7.63
N ASP A 403 -8.85 20.20 7.16
CA ASP A 403 -10.32 20.29 6.95
C ASP A 403 -10.70 19.36 5.80
N GLY A 404 -11.85 18.73 5.88
CA GLY A 404 -12.35 17.91 4.78
C GLY A 404 -13.03 18.78 3.74
N VAL A 405 -13.38 18.18 2.60
CA VAL A 405 -14.27 18.74 1.55
C VAL A 405 -15.60 17.98 1.65
N GLN A 406 -16.74 18.66 1.72
CA GLN A 406 -18.07 17.98 1.68
C GLN A 406 -18.29 17.53 0.23
N VAL A 407 -18.29 16.22 -0.05
CA VAL A 407 -18.38 15.68 -1.43
C VAL A 407 -19.75 15.05 -1.68
N ILE A 408 -20.41 14.55 -0.65
CA ILE A 408 -21.81 14.04 -0.71
C ILE A 408 -22.50 14.82 0.39
N SER A 409 -23.76 15.25 0.20
CA SER A 409 -24.53 15.94 1.26
C SER A 409 -24.59 15.00 2.46
N PRO A 410 -24.48 15.54 3.70
CA PRO A 410 -24.54 14.69 4.90
C PRO A 410 -25.77 13.77 4.94
N GLU A 411 -26.94 14.22 4.48
CA GLU A 411 -28.20 13.43 4.51
C GLU A 411 -28.13 12.26 3.51
N VAL A 412 -27.68 12.48 2.27
CA VAL A 412 -27.52 11.39 1.28
C VAL A 412 -26.53 10.34 1.85
N ALA A 413 -25.43 10.80 2.42
CA ALA A 413 -24.36 9.93 2.96
C ALA A 413 -24.95 9.04 4.04
N SER A 414 -25.70 9.64 4.93
CA SER A 414 -26.36 8.95 6.08
C SER A 414 -27.42 7.96 5.56
N THR A 415 -28.16 8.30 4.50
CA THR A 415 -29.16 7.38 3.91
C THR A 415 -28.41 6.21 3.28
N VAL A 416 -27.37 6.48 2.51
CA VAL A 416 -26.58 5.41 1.82
C VAL A 416 -25.89 4.51 2.84
N GLN A 417 -25.42 5.05 3.95
CA GLN A 417 -24.82 4.24 5.03
C GLN A 417 -25.84 3.23 5.53
N GLY A 418 -27.06 3.68 5.81
CA GLY A 418 -28.16 2.83 6.30
C GLY A 418 -28.43 1.69 5.34
N MET A 419 -28.38 1.96 4.04
CA MET A 419 -28.68 0.96 2.98
C MET A 419 -27.58 -0.08 2.98
N LEU A 420 -26.32 0.35 3.12
CA LEU A 420 -25.14 -0.56 3.14
C LEU A 420 -25.12 -1.34 4.45
N GLN A 421 -25.73 -0.81 5.51
CA GLN A 421 -25.89 -1.57 6.78
C GLN A 421 -26.84 -2.71 6.50
N GLN A 422 -27.89 -2.46 5.71
CA GLN A 422 -28.90 -3.47 5.33
C GLN A 422 -28.24 -4.52 4.44
N VAL A 423 -27.43 -4.11 3.46
CA VAL A 423 -26.69 -5.07 2.57
C VAL A 423 -26.04 -6.14 3.43
N VAL A 424 -25.50 -5.74 4.58
CA VAL A 424 -24.74 -6.65 5.48
C VAL A 424 -25.68 -7.43 6.42
N GLU A 425 -26.73 -6.82 6.95
CA GLU A 425 -27.49 -7.40 8.10
C GLU A 425 -28.83 -8.02 7.67
N ALA A 426 -29.40 -7.64 6.53
CA ALA A 426 -30.76 -8.07 6.10
C ALA A 426 -30.72 -9.51 5.53
N GLN A 427 -31.91 -10.12 5.43
CA GLN A 427 -32.19 -11.48 4.89
C GLN A 427 -31.70 -11.55 3.45
N GLY A 428 -30.92 -12.56 3.09
CA GLY A 428 -30.35 -12.72 1.73
C GLY A 428 -29.29 -11.68 1.43
N GLY A 429 -28.72 -11.03 2.47
CA GLY A 429 -27.63 -10.04 2.39
C GLY A 429 -26.26 -10.70 2.48
N VAL A 430 -25.19 -9.89 2.61
CA VAL A 430 -23.79 -10.40 2.68
C VAL A 430 -23.44 -10.64 4.15
N PHE A 431 -23.92 -11.75 4.69
CA PHE A 431 -23.91 -12.10 6.13
C PHE A 431 -22.46 -12.40 6.54
N ARG A 432 -21.62 -12.82 5.60
CA ARG A 432 -20.20 -13.16 5.88
C ARG A 432 -19.45 -11.90 6.29
N ALA A 433 -20.00 -10.71 6.00
CA ALA A 433 -19.33 -9.42 6.34
C ALA A 433 -19.71 -8.99 7.76
N GLN A 434 -20.64 -9.67 8.42
CA GLN A 434 -21.08 -9.24 9.77
C GLN A 434 -19.88 -9.28 10.72
N VAL A 435 -19.81 -8.31 11.62
CA VAL A 435 -18.68 -8.15 12.57
C VAL A 435 -19.25 -8.42 13.96
N PRO A 436 -18.85 -9.52 14.64
CA PRO A 436 -19.37 -9.83 15.97
C PRO A 436 -19.36 -8.59 16.88
N GLY A 437 -20.52 -8.22 17.43
CA GLY A 437 -20.64 -7.17 18.47
C GLY A 437 -20.77 -5.78 17.87
N TYR A 438 -20.79 -5.66 16.53
CA TYR A 438 -20.82 -4.33 15.85
C TYR A 438 -21.83 -4.37 14.69
N HIS A 439 -22.38 -3.20 14.39
CA HIS A 439 -23.08 -2.90 13.12
C HIS A 439 -22.02 -2.51 12.09
N ALA A 440 -22.00 -3.22 10.96
CA ALA A 440 -21.08 -3.01 9.84
C ALA A 440 -21.88 -2.77 8.55
N ALA A 441 -21.26 -2.14 7.57
CA ALA A 441 -21.90 -1.73 6.32
C ALA A 441 -20.89 -1.96 5.21
N GLY A 442 -21.35 -2.31 4.01
CA GLY A 442 -20.40 -2.56 2.93
C GLY A 442 -21.05 -3.05 1.67
N LYS A 443 -20.22 -3.26 0.66
CA LYS A 443 -20.65 -3.65 -0.68
C LYS A 443 -19.61 -4.63 -1.24
N SER A 444 -20.10 -5.77 -1.72
CA SER A 444 -19.32 -6.77 -2.47
C SER A 444 -19.18 -6.34 -3.93
N GLY A 445 -18.16 -6.84 -4.58
CA GLY A 445 -18.07 -6.79 -6.04
C GLY A 445 -17.36 -8.01 -6.56
N THR A 446 -17.57 -8.31 -7.83
CA THR A 446 -16.91 -9.41 -8.57
C THR A 446 -16.64 -8.90 -9.99
N ALA A 447 -15.38 -8.85 -10.42
CA ALA A 447 -15.01 -8.43 -11.79
C ALA A 447 -14.49 -9.66 -12.56
N ARG A 448 -15.13 -10.02 -13.67
CA ARG A 448 -14.52 -10.90 -14.70
C ARG A 448 -13.47 -10.07 -15.41
N LYS A 449 -12.19 -10.42 -15.25
CA LYS A 449 -11.07 -9.83 -16.01
C LYS A 449 -10.97 -10.60 -17.32
N VAL A 450 -10.64 -9.91 -18.43
CA VAL A 450 -10.42 -10.54 -19.76
C VAL A 450 -8.91 -10.66 -20.00
N ASN A 460 -12.37 -19.20 -16.48
CA ASN A 460 -12.29 -17.71 -16.51
C ASN A 460 -11.71 -17.19 -15.18
N ALA A 461 -11.31 -15.92 -15.16
CA ALA A 461 -10.53 -15.30 -14.06
C ALA A 461 -11.33 -14.14 -13.42
N TYR A 462 -11.34 -14.10 -12.09
CA TYR A 462 -12.21 -13.20 -11.30
C TYR A 462 -11.36 -12.39 -10.32
N ARG A 463 -11.87 -11.22 -9.96
CA ARG A 463 -11.36 -10.40 -8.84
C ARG A 463 -12.51 -10.24 -7.86
N SER A 464 -12.32 -10.64 -6.59
CA SER A 464 -13.31 -10.58 -5.50
C SER A 464 -13.03 -9.36 -4.60
N LEU A 465 -14.04 -8.52 -4.39
CA LEU A 465 -13.94 -7.21 -3.70
C LEU A 465 -14.89 -7.17 -2.51
N PHE A 466 -14.47 -6.56 -1.42
CA PHE A 466 -15.42 -6.04 -0.40
C PHE A 466 -14.90 -4.71 0.14
N ALA A 467 -15.76 -3.71 0.14
CA ALA A 467 -15.46 -2.41 0.74
C ALA A 467 -16.53 -2.14 1.79
N GLY A 468 -16.13 -1.63 2.95
CA GLY A 468 -17.11 -1.24 3.99
C GLY A 468 -16.49 -0.44 5.11
N PHE A 469 -17.30 -0.19 6.14
CA PHE A 469 -16.91 0.64 7.31
C PHE A 469 -17.69 0.17 8.53
N ALA A 470 -17.21 0.57 9.70
CA ALA A 470 -17.81 0.19 10.98
C ALA A 470 -17.26 1.14 12.05
N PRO A 471 -17.94 1.28 13.20
CA PRO A 471 -19.30 0.80 13.41
C PRO A 471 -20.29 1.65 12.58
N ALA A 472 -21.45 1.12 12.22
CA ALA A 472 -22.43 1.79 11.33
C ALA A 472 -22.98 3.06 12.00
N THR A 473 -23.17 3.04 13.31
CA THR A 473 -23.85 4.13 14.07
C THR A 473 -22.93 5.37 14.20
N ASP A 474 -21.61 5.18 14.44
CA ASP A 474 -20.58 6.27 14.38
C ASP A 474 -19.32 5.72 13.68
N PRO A 475 -19.23 5.76 12.32
CA PRO A 475 -18.10 5.14 11.60
C PRO A 475 -16.71 5.66 11.99
N ARG A 476 -15.79 4.72 12.19
CA ARG A 476 -14.40 4.98 12.62
C ARG A 476 -13.40 4.55 11.54
N ILE A 477 -13.68 3.43 10.88
CA ILE A 477 -12.73 2.63 10.04
C ILE A 477 -13.40 2.31 8.72
N ALA A 478 -12.74 2.52 7.57
CA ALA A 478 -13.16 2.01 6.24
C ALA A 478 -12.13 0.99 5.76
N MET A 479 -12.53 -0.01 4.99
CA MET A 479 -11.65 -1.15 4.68
C MET A 479 -11.99 -1.67 3.28
N VAL A 480 -10.96 -1.97 2.47
CA VAL A 480 -11.17 -2.65 1.16
C VAL A 480 -10.31 -3.90 1.12
N VAL A 481 -10.92 -4.99 0.67
CA VAL A 481 -10.30 -6.33 0.48
C VAL A 481 -10.41 -6.67 -1.00
N VAL A 482 -9.27 -6.86 -1.64
CA VAL A 482 -9.21 -7.29 -3.07
C VAL A 482 -8.45 -8.61 -3.12
N ILE A 483 -9.11 -9.65 -3.59
CA ILE A 483 -8.47 -10.96 -3.86
C ILE A 483 -8.54 -11.26 -5.36
N ASP A 484 -7.38 -11.40 -5.97
CA ASP A 484 -7.16 -11.54 -7.42
C ASP A 484 -7.03 -13.05 -7.74
N GLU A 485 -7.93 -13.56 -8.58
CA GLU A 485 -8.00 -14.93 -9.13
C GLU A 485 -8.11 -15.94 -7.99
N PRO A 486 -9.21 -15.95 -7.21
CA PRO A 486 -9.47 -17.07 -6.31
C PRO A 486 -9.71 -18.28 -7.23
N SER A 487 -9.18 -19.46 -6.88
CA SER A 487 -9.05 -20.63 -7.79
C SER A 487 -9.93 -21.81 -7.32
N LYS A 488 -10.49 -21.73 -6.10
CA LYS A 488 -11.64 -22.56 -5.63
C LYS A 488 -12.94 -22.14 -6.33
N ALA A 489 -14.02 -22.88 -6.10
CA ALA A 489 -15.36 -22.69 -6.71
C ALA A 489 -15.93 -21.31 -6.30
N GLY A 490 -15.56 -20.83 -5.10
CA GLY A 490 -15.96 -19.50 -4.59
C GLY A 490 -15.15 -18.40 -5.24
N TYR A 491 -15.79 -17.51 -6.00
CA TYR A 491 -15.12 -16.31 -6.57
C TYR A 491 -15.87 -15.02 -6.22
N PHE A 492 -17.17 -15.06 -5.91
CA PHE A 492 -17.99 -13.87 -5.56
C PHE A 492 -17.38 -13.17 -4.34
N GLY A 493 -17.26 -11.83 -4.43
CA GLY A 493 -16.80 -10.94 -3.35
C GLY A 493 -17.43 -11.27 -2.00
N GLY A 494 -18.75 -11.50 -1.98
CA GLY A 494 -19.54 -11.90 -0.80
C GLY A 494 -19.10 -13.22 -0.17
N LEU A 495 -18.44 -14.10 -0.93
CA LEU A 495 -17.91 -15.40 -0.46
C LEU A 495 -16.47 -15.23 0.02
N VAL A 496 -15.62 -14.66 -0.82
CA VAL A 496 -14.13 -14.69 -0.70
C VAL A 496 -13.65 -13.52 0.16
N SER A 497 -14.10 -12.29 -0.14
CA SER A 497 -13.52 -11.04 0.42
C SER A 497 -14.23 -10.68 1.72
N ALA A 498 -15.55 -10.86 1.80
CA ALA A 498 -16.39 -10.46 2.96
C ALA A 498 -15.89 -11.08 4.26
N PRO A 499 -15.56 -12.38 4.32
CA PRO A 499 -15.06 -12.99 5.57
C PRO A 499 -13.76 -12.36 6.07
N VAL A 500 -12.91 -11.88 5.16
CA VAL A 500 -11.64 -11.19 5.55
C VAL A 500 -11.98 -9.87 6.25
N PHE A 501 -12.87 -9.09 5.66
CA PHE A 501 -13.36 -7.79 6.23
C PHE A 501 -13.86 -8.03 7.65
N SER A 502 -14.66 -9.07 7.82
CA SER A 502 -15.23 -9.49 9.13
C SER A 502 -14.13 -9.65 10.17
N LYS A 503 -13.19 -10.55 9.95
CA LYS A 503 -12.13 -10.87 10.94
C LYS A 503 -11.27 -9.62 11.17
N VAL A 504 -10.88 -8.92 10.11
CA VAL A 504 -9.94 -7.78 10.26
C VAL A 504 -10.66 -6.56 10.87
N MET A 505 -11.92 -6.32 10.50
CA MET A 505 -12.67 -5.22 11.14
C MET A 505 -12.83 -5.54 12.63
N ALA A 506 -13.25 -6.74 13.02
CA ALA A 506 -13.38 -7.14 14.44
C ALA A 506 -12.10 -6.78 15.20
N GLY A 507 -10.95 -7.28 14.77
CA GLY A 507 -9.68 -7.07 15.49
C GLY A 507 -9.29 -5.61 15.51
N ALA A 508 -9.46 -4.90 14.38
CA ALA A 508 -9.11 -3.46 14.28
C ALA A 508 -9.93 -2.64 15.29
N LEU A 509 -11.25 -2.78 15.32
CA LEU A 509 -12.12 -2.02 16.27
C LEU A 509 -11.71 -2.28 17.72
N ARG A 510 -11.32 -3.52 18.03
CA ARG A 510 -10.93 -3.92 19.41
C ARG A 510 -9.57 -3.30 19.76
N LEU A 511 -8.58 -3.46 18.88
CA LEU A 511 -7.23 -2.85 19.08
C LEU A 511 -7.37 -1.33 19.28
N MET A 512 -8.40 -0.69 18.70
CA MET A 512 -8.61 0.80 18.74
C MET A 512 -9.65 1.21 19.80
N ASN A 513 -10.11 0.26 20.62
CA ASN A 513 -11.00 0.46 21.81
C ASN A 513 -12.31 1.13 21.38
N VAL A 514 -12.90 0.68 20.28
CA VAL A 514 -14.16 1.25 19.73
C VAL A 514 -15.29 0.53 20.42
N PRO A 515 -16.18 1.24 21.17
CA PRO A 515 -17.24 0.60 21.94
C PRO A 515 -18.16 -0.21 21.02
N PRO A 516 -18.43 -1.49 21.33
CA PRO A 516 -19.43 -2.27 20.59
C PRO A 516 -20.79 -1.57 20.56
N ASP A 517 -21.39 -1.42 19.37
CA ASP A 517 -22.68 -0.72 19.15
C ASP A 517 -23.78 -1.74 18.82
N ASN A 518 -23.47 -3.04 18.85
CA ASN A 518 -24.48 -4.12 18.63
C ASN A 518 -24.41 -5.16 19.75
N LEU A 519 -24.54 -4.73 21.01
CA LEU A 519 -24.72 -5.64 22.19
C LEU A 519 -25.91 -5.17 23.04
O9 R7G B . -23.65 -15.34 -3.91
C20 R7G B . -24.76 -15.37 -4.44
C22 R7G B . -25.84 -15.99 -3.93
C27 R7G B . -26.02 -16.71 -2.80
C26 R7G B . -27.26 -17.26 -2.51
O12 R7G B . -27.53 -17.98 -1.38
C25 R7G B . -28.32 -17.06 -3.40
O11 R7G B . -29.52 -17.62 -3.06
C24 R7G B . -28.08 -16.31 -4.56
C23 R7G B . -26.85 -15.79 -4.80
C21 R7G B . -26.34 -15.06 -5.82
O10 R7G B . -26.98 -14.69 -6.81
N8 R7G B . -25.05 -14.80 -5.61
C19 R7G B . -24.06 -14.02 -6.38
C18 R7G B . -23.98 -12.68 -5.62
N7 R7G B . -22.95 -11.78 -6.22
C17 R7G B . -23.17 -11.27 -7.43
O8 R7G B . -23.95 -11.79 -8.23
C3 R7G B . -22.61 -10.15 -7.85
C2 R7G B . -22.98 -9.78 -9.12
C1 R7G B . -21.59 -9.37 -7.46
C5 R7G B . -21.20 -9.16 -6.20
O2 R7G B . -20.17 -9.71 -5.72
O1 R7G B . -21.82 -8.34 -5.49
N1 R7G B . -21.60 -8.31 -8.25
N2 R7G B . -21.94 -8.84 -9.45
C4 R7G B . -22.49 -7.79 -10.31
C6 R7G B . -21.34 -6.89 -10.81
C7 R7G B . -20.62 -6.14 -9.66
O3 R7G B . -19.65 -6.60 -9.05
N3 R7G B . -20.27 -7.58 -11.60
C8 R7G B . -20.32 -7.53 -12.95
O4 R7G B . -21.26 -7.01 -13.55
C9 R7G B . -19.10 -8.08 -13.71
N4 R7G B . -18.81 -9.37 -13.44
O5 R7G B . -20.13 -10.41 -13.61
C10 R7G B . -19.93 -11.83 -13.33
C11 R7G B . -19.02 -11.99 -12.11
C12 R7G B . -21.31 -12.47 -13.05
C13 R7G B . -19.29 -12.59 -14.55
O7 R7G B . -19.03 -13.81 -14.39
O6 R7G B . -19.10 -11.94 -15.60
C14 R7G B . -18.08 -7.19 -13.94
N5 R7G B . -16.95 -7.50 -14.60
C15 R7G B . -16.09 -6.47 -14.72
N6 R7G B . -14.92 -6.53 -15.31
S1 R7G B . -16.67 -5.09 -14.04
C16 R7G B . -18.12 -5.89 -13.54
#